data_5L7P
#
_entry.id   5L7P
#
_cell.length_a   55.507
_cell.length_b   78.275
_cell.length_c   137.883
_cell.angle_alpha   90.00
_cell.angle_beta   90.00
_cell.angle_gamma   90.00
#
_symmetry.space_group_name_H-M   'P 21 21 21'
#
loop_
_entity.id
_entity.type
_entity.pdbx_description
1 polymer 'Tyrosine--tRNA ligase'
2 non-polymer 'PENTAETHYLENE GLYCOL'
3 non-polymer 'CALCIUM ION'
4 non-polymer 'CHLORIDE ION'
5 non-polymer '(2~{S})-2-azanyl-3-[3-[(2-nitrophenyl)methoxy]-4-oxidanyl-phenyl]propanoic acid'
6 water water
#
_entity_poly.entity_id   1
_entity_poly.type   'polypeptide(L)'
_entity_poly.pdbx_seq_one_letter_code
;MRGSHHHHHHGSMDEFEMIKRNTSEIISEEELREVLKKDEKSAAIGFEPSGKIHLGHYLQIKKMIDLQNAGFDIIIILAD
LAAYLNQKGELDEIRKIGDYNKKVFEAMGLKAKYVYGSEFALDKDYTLNVYRLALKTTLKRARRSMELIAREDENPKVAE
VIYPIMQVNAAHYMGVDVNVGGMEQRKIHMLQRELLPKKVVCIHNPVLTGLDGEGKMSSSKGNFIAVDDSPEEIRAKIKK
AYCPAGVVEGNPIMEIAKYFLEYPLTIKRPEKFGGDLTVNSYEELESLFKNKELHPMRLKNAVAEELIKILEPIRKRL
;
_entity_poly.pdbx_strand_id   A,B
#
# COMPACT_ATOMS: atom_id res chain seq x y z
N ASP A 14 -17.19 1.86 -18.14
CA ASP A 14 -17.85 0.58 -18.42
C ASP A 14 -16.80 -0.52 -18.30
N GLU A 15 -17.21 -1.70 -17.83
CA GLU A 15 -16.20 -2.67 -17.43
C GLU A 15 -15.48 -3.26 -18.63
N PHE A 16 -16.22 -3.60 -19.67
CA PHE A 16 -15.62 -4.13 -20.88
C PHE A 16 -14.61 -3.15 -21.47
N GLU A 17 -15.01 -1.86 -21.58
CA GLU A 17 -14.11 -0.87 -22.18
C GLU A 17 -12.85 -0.67 -21.35
N MET A 18 -12.98 -0.67 -20.02
CA MET A 18 -11.79 -0.59 -19.18
C MET A 18 -10.81 -1.75 -19.44
N ILE A 19 -11.33 -2.95 -19.73
CA ILE A 19 -10.44 -4.09 -19.95
C ILE A 19 -9.87 -4.07 -21.36
N LYS A 20 -10.68 -3.72 -22.37
CA LYS A 20 -10.19 -3.65 -23.73
C LYS A 20 -9.16 -2.56 -23.97
N ARG A 21 -9.25 -1.42 -23.27
CA ARG A 21 -8.44 -0.29 -23.69
C ARG A 21 -6.96 -0.68 -23.70
N ASN A 22 -6.26 -0.27 -24.77
CA ASN A 22 -4.84 -0.50 -24.93
C ASN A 22 -4.46 -1.98 -24.92
N THR A 23 -5.34 -2.87 -25.37
CA THR A 23 -4.98 -4.25 -25.65
C THR A 23 -4.80 -4.42 -27.16
N SER A 24 -4.08 -5.48 -27.52
CA SER A 24 -3.90 -5.88 -28.90
C SER A 24 -4.98 -6.82 -29.39
N GLU A 25 -5.54 -7.65 -28.51
CA GLU A 25 -6.53 -8.63 -28.92
C GLU A 25 -7.25 -9.18 -27.70
N ILE A 26 -8.52 -9.54 -27.87
CA ILE A 26 -9.22 -10.33 -26.85
C ILE A 26 -9.86 -11.51 -27.55
N ILE A 27 -9.49 -12.72 -27.14
CA ILE A 27 -10.08 -13.95 -27.63
C ILE A 27 -11.02 -14.58 -26.57
N SER A 28 -12.34 -14.38 -26.65
CA SER A 28 -13.01 -13.48 -27.58
C SER A 28 -13.81 -12.47 -26.80
N GLU A 29 -14.29 -11.42 -27.49
CA GLU A 29 -14.96 -10.35 -26.78
C GLU A 29 -16.31 -10.80 -26.25
N GLU A 30 -17.04 -11.61 -27.04
CA GLU A 30 -18.32 -12.09 -26.54
C GLU A 30 -18.12 -13.01 -25.34
N GLU A 31 -17.07 -13.82 -25.35
CA GLU A 31 -16.82 -14.68 -24.21
C GLU A 31 -16.43 -13.87 -22.99
N LEU A 32 -15.64 -12.82 -23.20
CA LEU A 32 -15.32 -11.94 -22.09
C LEU A 32 -16.60 -11.37 -21.49
N ARG A 33 -17.55 -10.93 -22.34
CA ARG A 33 -18.78 -10.34 -21.81
C ARG A 33 -19.56 -11.36 -20.99
N GLU A 34 -19.49 -12.65 -21.35
CA GLU A 34 -20.13 -13.68 -20.53
C GLU A 34 -19.46 -13.79 -19.17
N VAL A 35 -18.12 -13.86 -19.13
CA VAL A 35 -17.41 -13.91 -17.85
C VAL A 35 -17.80 -12.74 -16.97
N LEU A 36 -17.91 -11.55 -17.55
CA LEU A 36 -18.24 -10.39 -16.76
C LEU A 36 -19.60 -10.50 -16.07
N LYS A 37 -20.47 -11.42 -16.49
CA LYS A 37 -21.74 -11.59 -15.77
C LYS A 37 -21.59 -12.34 -14.46
N LYS A 38 -20.55 -13.17 -14.31
CA LYS A 38 -20.38 -13.96 -13.10
C LYS A 38 -19.91 -13.10 -11.93
N ASP A 39 -20.39 -13.44 -10.73
CA ASP A 39 -19.96 -12.75 -9.53
C ASP A 39 -18.62 -13.25 -9.00
N GLU A 40 -18.14 -14.41 -9.46
CA GLU A 40 -16.84 -14.93 -9.05
C GLU A 40 -16.03 -15.29 -10.28
N LYS A 41 -14.92 -14.57 -10.53
CA LYS A 41 -14.10 -14.76 -11.73
C LYS A 41 -12.66 -14.38 -11.43
N SER A 42 -11.74 -14.99 -12.17
CA SER A 42 -10.30 -14.88 -11.91
C SER A 42 -9.54 -14.75 -13.22
N ALA A 43 -8.35 -14.14 -13.13
CA ALA A 43 -7.45 -13.96 -14.26
C ALA A 43 -6.04 -14.21 -13.78
N ALA A 44 -5.21 -14.76 -14.67
CA ALA A 44 -3.81 -15.03 -14.40
C ALA A 44 -2.88 -14.37 -15.42
N ILE A 45 -1.65 -14.14 -14.98
CA ILE A 45 -0.56 -13.74 -15.87
C ILE A 45 0.71 -14.34 -15.29
N GLY A 46 1.66 -14.65 -16.17
CA GLY A 46 2.96 -15.19 -15.79
C GLY A 46 4.06 -14.15 -15.95
N PHE A 47 4.97 -14.09 -14.97
CA PHE A 47 6.13 -13.20 -15.01
C PHE A 47 7.34 -13.99 -14.60
N GLU A 48 8.37 -13.90 -15.38
CA GLU A 48 9.67 -14.31 -14.91
C GLU A 48 10.24 -13.26 -13.97
N PRO A 49 10.68 -13.64 -12.76
CA PRO A 49 11.23 -12.63 -11.84
C PRO A 49 12.35 -11.83 -12.47
N SER A 50 12.35 -10.53 -12.21
CA SER A 50 13.25 -9.60 -12.89
C SER A 50 13.83 -8.65 -11.86
N GLY A 51 15.13 -8.42 -11.95
CA GLY A 51 15.78 -7.59 -10.95
C GLY A 51 15.38 -6.14 -11.05
N LYS A 52 15.06 -5.68 -12.25
CA LYS A 52 14.50 -4.38 -12.50
C LYS A 52 13.09 -4.57 -13.05
N ILE A 53 12.12 -3.84 -12.49
CA ILE A 53 10.77 -3.81 -13.02
C ILE A 53 10.62 -2.52 -13.82
N HIS A 54 10.37 -2.64 -15.12
CA HIS A 54 10.34 -1.47 -16.00
C HIS A 54 8.94 -1.26 -16.58
N LEU A 55 8.84 -0.27 -17.46
CA LEU A 55 7.54 0.13 -17.98
C LEU A 55 6.87 -1.00 -18.76
N GLY A 56 7.65 -1.88 -19.35
CA GLY A 56 7.06 -3.03 -20.02
C GLY A 56 6.28 -3.90 -19.06
N HIS A 57 6.86 -4.15 -17.87
CA HIS A 57 6.13 -4.84 -16.81
C HIS A 57 4.93 -4.04 -16.36
N TYR A 58 5.13 -2.73 -16.16
CA TYR A 58 4.07 -1.89 -15.65
C TYR A 58 2.86 -1.90 -16.56
N LEU A 59 3.08 -1.89 -17.87
CA LEU A 59 1.97 -1.98 -18.81
C LEU A 59 1.11 -3.21 -18.53
N GLN A 60 1.73 -4.36 -18.28
CA GLN A 60 0.96 -5.58 -18.03
C GLN A 60 0.28 -5.55 -16.66
N ILE A 61 0.94 -5.01 -15.63
CA ILE A 61 0.32 -4.94 -14.32
C ILE A 61 -0.86 -4.00 -14.34
N LYS A 62 -0.77 -2.88 -15.07
CA LYS A 62 -1.91 -1.99 -15.20
C LYS A 62 -3.14 -2.73 -15.74
N LYS A 63 -2.92 -3.65 -16.69
CA LYS A 63 -4.03 -4.44 -17.24
C LYS A 63 -4.59 -5.42 -16.20
N MET A 64 -3.74 -5.99 -15.37
CA MET A 64 -4.28 -6.81 -14.28
C MET A 64 -5.06 -5.93 -13.30
N ILE A 65 -4.62 -4.68 -13.09
CA ILE A 65 -5.38 -3.79 -12.21
C ILE A 65 -6.75 -3.47 -12.80
N ASP A 66 -6.81 -3.23 -14.13
CA ASP A 66 -8.11 -3.08 -14.80
C ASP A 66 -9.03 -4.26 -14.52
N LEU A 67 -8.51 -5.48 -14.68
CA LEU A 67 -9.30 -6.67 -14.35
C LEU A 67 -9.71 -6.68 -12.87
N GLN A 68 -8.76 -6.43 -11.97
CA GLN A 68 -9.09 -6.36 -10.54
C GLN A 68 -10.22 -5.37 -10.29
N ASN A 69 -10.19 -4.22 -10.98
CA ASN A 69 -11.24 -3.23 -10.75
C ASN A 69 -12.58 -3.66 -11.34
N ALA A 70 -12.59 -4.63 -12.25
CA ALA A 70 -13.80 -5.20 -12.82
C ALA A 70 -14.25 -6.45 -12.08
N GLY A 71 -13.69 -6.71 -10.91
CA GLY A 71 -14.15 -7.77 -10.05
C GLY A 71 -13.43 -9.09 -10.17
N PHE A 72 -12.33 -9.16 -10.92
CA PHE A 72 -11.58 -10.40 -10.98
C PHE A 72 -10.67 -10.54 -9.78
N ASP A 73 -10.53 -11.78 -9.31
CA ASP A 73 -9.44 -12.16 -8.44
C ASP A 73 -8.22 -12.43 -9.30
N ILE A 74 -7.07 -11.88 -8.89
CA ILE A 74 -5.87 -11.89 -9.71
C ILE A 74 -4.86 -12.90 -9.17
N ILE A 75 -4.32 -13.74 -10.06
CA ILE A 75 -3.21 -14.63 -9.75
C ILE A 75 -2.04 -14.30 -10.64
N ILE A 76 -0.88 -14.12 -10.02
CA ILE A 76 0.39 -13.89 -10.68
C ILE A 76 1.21 -15.16 -10.48
N ILE A 77 1.59 -15.78 -11.59
CA ILE A 77 2.51 -16.91 -11.56
C ILE A 77 3.90 -16.34 -11.69
N LEU A 78 4.72 -16.51 -10.65
CA LEU A 78 6.12 -16.14 -10.72
C LEU A 78 6.87 -17.34 -11.26
N ALA A 79 7.50 -17.18 -12.41
CA ALA A 79 7.98 -18.33 -13.19
C ALA A 79 9.43 -18.64 -12.83
N ASP A 80 9.61 -19.18 -11.61
CA ASP A 80 10.95 -19.37 -11.11
C ASP A 80 11.60 -20.61 -11.73
N LEU A 81 10.82 -21.64 -12.02
CA LEU A 81 11.37 -22.82 -12.68
C LEU A 81 11.85 -22.49 -14.08
N ALA A 82 11.03 -21.76 -14.85
CA ALA A 82 11.44 -21.33 -16.19
C ALA A 82 12.72 -20.48 -16.15
N ALA A 83 12.78 -19.53 -15.20
CA ALA A 83 13.99 -18.72 -15.01
C ALA A 83 15.19 -19.57 -14.65
N TYR A 84 14.98 -20.54 -13.74
CA TYR A 84 16.04 -21.46 -13.36
C TYR A 84 16.52 -22.28 -14.55
N LEU A 85 15.59 -22.75 -15.38
CA LEU A 85 15.99 -23.51 -16.57
C LEU A 85 16.62 -22.61 -17.61
N ASN A 86 16.19 -21.36 -17.71
CA ASN A 86 16.78 -20.42 -18.65
C ASN A 86 18.05 -19.73 -18.10
N GLN A 87 18.66 -20.25 -17.03
CA GLN A 87 20.00 -19.89 -16.58
C GLN A 87 20.07 -18.61 -15.74
N LYS A 88 18.96 -18.18 -15.15
CA LYS A 88 18.92 -16.93 -14.43
C LYS A 88 19.32 -17.05 -12.96
N GLY A 89 19.80 -18.22 -12.51
CA GLY A 89 20.27 -18.40 -11.15
C GLY A 89 19.68 -19.60 -10.46
N GLU A 90 19.98 -19.73 -9.17
CA GLU A 90 19.41 -20.77 -8.31
C GLU A 90 18.00 -20.39 -7.85
N LEU A 91 17.21 -21.41 -7.54
CA LEU A 91 15.81 -21.16 -7.19
C LEU A 91 15.70 -20.25 -5.97
N ASP A 92 16.60 -20.40 -4.99
CA ASP A 92 16.48 -19.54 -3.82
C ASP A 92 16.84 -18.09 -4.16
N GLU A 93 17.74 -17.90 -5.13
CA GLU A 93 18.04 -16.55 -5.56
C GLU A 93 16.88 -15.94 -6.35
N ILE A 94 16.23 -16.74 -7.20
CA ILE A 94 15.12 -16.21 -7.97
C ILE A 94 13.95 -15.87 -7.05
N ARG A 95 13.75 -16.66 -5.98
CA ARG A 95 12.68 -16.38 -5.03
C ARG A 95 12.86 -15.00 -4.40
N LYS A 96 14.10 -14.62 -4.09
CA LYS A 96 14.30 -13.33 -3.47
C LYS A 96 13.96 -12.21 -4.45
N ILE A 97 14.29 -12.40 -5.74
CA ILE A 97 13.87 -11.42 -6.75
C ILE A 97 12.36 -11.40 -6.88
N GLY A 98 11.73 -12.58 -6.90
CA GLY A 98 10.29 -12.61 -7.04
C GLY A 98 9.59 -11.97 -5.85
N ASP A 99 10.14 -12.15 -4.65
CA ASP A 99 9.53 -11.55 -3.47
C ASP A 99 9.64 -10.02 -3.53
N TYR A 100 10.72 -9.49 -4.12
CA TYR A 100 10.81 -8.06 -4.38
C TYR A 100 9.80 -7.61 -5.43
N ASN A 101 9.71 -8.35 -6.55
CA ASN A 101 8.71 -8.01 -7.56
C ASN A 101 7.32 -7.92 -6.94
N LYS A 102 7.02 -8.80 -5.98
CA LYS A 102 5.71 -8.73 -5.34
C LYS A 102 5.50 -7.39 -4.68
N LYS A 103 6.54 -6.86 -4.03
CA LYS A 103 6.42 -5.55 -3.37
C LYS A 103 6.25 -4.45 -4.41
N VAL A 104 6.90 -4.58 -5.56
CA VAL A 104 6.75 -3.57 -6.62
C VAL A 104 5.31 -3.58 -7.14
N PHE A 105 4.77 -4.78 -7.40
CA PHE A 105 3.39 -4.84 -7.93
C PHE A 105 2.39 -4.30 -6.93
N GLU A 106 2.61 -4.58 -5.64
CA GLU A 106 1.78 -3.99 -4.59
C GLU A 106 1.89 -2.48 -4.58
N ALA A 107 3.11 -1.96 -4.73
CA ALA A 107 3.28 -0.51 -4.85
C ALA A 107 2.57 0.05 -6.08
N MET A 108 2.39 -0.76 -7.11
CA MET A 108 1.69 -0.30 -8.30
C MET A 108 0.20 -0.26 -8.13
N GLY A 109 -0.32 -0.87 -7.06
CA GLY A 109 -1.73 -0.89 -6.83
C GLY A 109 -2.40 -2.23 -7.04
N LEU A 110 -1.64 -3.28 -7.28
CA LEU A 110 -2.22 -4.58 -7.57
C LEU A 110 -2.37 -5.36 -6.27
N LYS A 111 -3.55 -5.93 -6.06
CA LYS A 111 -3.79 -6.86 -4.95
C LYS A 111 -4.00 -8.24 -5.57
N ALA A 112 -3.00 -9.10 -5.47
CA ALA A 112 -3.06 -10.38 -6.15
C ALA A 112 -2.57 -11.48 -5.21
N LYS A 113 -2.95 -12.71 -5.56
CA LYS A 113 -2.34 -13.91 -5.01
C LYS A 113 -1.17 -14.31 -5.88
N TYR A 114 -0.08 -14.73 -5.25
CA TYR A 114 1.14 -15.13 -5.96
C TYR A 114 1.38 -16.62 -5.80
N VAL A 115 1.85 -17.24 -6.89
CA VAL A 115 2.23 -18.65 -6.88
C VAL A 115 3.52 -18.76 -7.65
N TYR A 116 4.48 -19.52 -7.12
CA TYR A 116 5.69 -19.85 -7.85
C TYR A 116 5.50 -21.11 -8.67
N GLY A 117 6.04 -21.09 -9.89
CA GLY A 117 5.98 -22.26 -10.76
C GLY A 117 6.49 -23.53 -10.09
N SER A 118 7.59 -23.42 -9.36
CA SER A 118 8.15 -24.59 -8.67
C SER A 118 7.22 -25.15 -7.58
N GLU A 119 6.18 -24.43 -7.15
CA GLU A 119 5.27 -24.91 -6.11
C GLU A 119 4.24 -25.92 -6.64
N PHE A 120 4.04 -25.98 -7.95
CA PHE A 120 3.06 -26.92 -8.45
C PHE A 120 3.51 -27.69 -9.67
N ALA A 121 4.47 -27.18 -10.44
CA ALA A 121 4.74 -27.69 -11.76
C ALA A 121 5.70 -28.86 -11.78
N LEU A 122 6.25 -29.27 -10.62
CA LEU A 122 6.97 -30.52 -10.48
C LEU A 122 6.22 -31.56 -9.64
N ASP A 123 4.98 -31.29 -9.23
CA ASP A 123 4.23 -32.29 -8.46
C ASP A 123 3.99 -33.54 -9.31
N LYS A 124 3.95 -34.71 -8.63
CA LYS A 124 3.79 -35.98 -9.35
C LYS A 124 2.52 -36.02 -10.20
N ASP A 125 1.37 -35.62 -9.64
CA ASP A 125 0.11 -35.65 -10.39
CA ASP A 125 0.13 -35.69 -10.43
C ASP A 125 0.12 -34.65 -11.54
N TYR A 126 0.77 -33.49 -11.33
CA TYR A 126 0.93 -32.49 -12.38
C TYR A 126 1.75 -33.05 -13.54
N THR A 127 2.90 -33.65 -13.22
CA THR A 127 3.78 -34.20 -14.24
C THR A 127 3.06 -35.30 -15.02
N LEU A 128 2.30 -36.14 -14.34
CA LEU A 128 1.62 -37.19 -15.07
C LEU A 128 0.64 -36.59 -16.07
N ASN A 129 0.01 -35.47 -15.72
CA ASN A 129 -0.86 -34.81 -16.68
C ASN A 129 -0.06 -34.17 -17.82
N VAL A 130 1.14 -33.69 -17.57
CA VAL A 130 1.97 -33.23 -18.68
C VAL A 130 2.18 -34.37 -19.67
N TYR A 131 2.48 -35.56 -19.14
CA TYR A 131 2.75 -36.70 -19.99
C TYR A 131 1.51 -37.20 -20.69
N ARG A 132 0.36 -37.13 -20.03
CA ARG A 132 -0.92 -37.39 -20.68
C ARG A 132 -1.13 -36.47 -21.87
N LEU A 133 -0.90 -35.16 -21.69
CA LEU A 133 -1.00 -34.23 -22.81
C LEU A 133 0.04 -34.49 -23.89
N ALA A 134 1.24 -34.92 -23.50
CA ALA A 134 2.26 -35.24 -24.50
C ALA A 134 1.83 -36.41 -25.37
N LEU A 135 1.09 -37.33 -24.78
CA LEU A 135 0.67 -38.53 -25.48
C LEU A 135 -0.44 -38.20 -26.49
N LYS A 136 -1.25 -37.20 -26.15
CA LYS A 136 -2.36 -36.71 -26.94
C LYS A 136 -1.93 -35.75 -28.03
N THR A 137 -0.80 -35.06 -27.86
CA THR A 137 -0.51 -33.88 -28.65
C THR A 137 0.53 -34.21 -29.72
N THR A 138 0.23 -33.93 -30.99
CA THR A 138 1.23 -34.23 -32.02
C THR A 138 2.39 -33.24 -31.96
N LEU A 139 3.60 -33.72 -32.27
CA LEU A 139 4.74 -32.83 -32.50
C LEU A 139 4.40 -31.72 -33.50
N LYS A 140 3.70 -32.06 -34.57
CA LYS A 140 3.34 -31.06 -35.59
C LYS A 140 2.55 -29.93 -34.94
N ARG A 141 1.50 -30.28 -34.17
CA ARG A 141 0.68 -29.26 -33.51
C ARG A 141 1.53 -28.47 -32.51
N ALA A 142 2.39 -29.16 -31.75
CA ALA A 142 3.25 -28.48 -30.77
C ALA A 142 4.23 -27.54 -31.45
N ARG A 143 4.86 -28.00 -32.53
CA ARG A 143 5.78 -27.14 -33.26
C ARG A 143 5.03 -25.93 -33.81
N ARG A 144 3.84 -26.13 -34.34
CA ARG A 144 3.08 -25.01 -34.91
C ARG A 144 2.76 -23.97 -33.85
N SER A 145 2.42 -24.40 -32.62
CA SER A 145 2.15 -23.47 -31.54
C SER A 145 3.38 -22.66 -31.15
N MET A 146 4.55 -23.13 -31.51
CA MET A 146 5.78 -22.47 -31.12
C MET A 146 6.46 -21.73 -32.26
N GLU A 147 5.87 -21.74 -33.47
CA GLU A 147 6.56 -21.20 -34.66
C GLU A 147 7.12 -19.81 -34.43
N LEU A 148 6.41 -18.97 -33.68
CA LEU A 148 6.86 -17.59 -33.46
C LEU A 148 7.81 -17.47 -32.28
N ILE A 149 7.50 -18.07 -31.12
CA ILE A 149 8.41 -18.00 -29.98
C ILE A 149 9.74 -18.66 -30.31
N ALA A 150 9.72 -19.72 -31.10
CA ALA A 150 10.95 -20.42 -31.49
C ALA A 150 11.49 -19.95 -32.86
N ASN A 155 18.94 -25.47 -34.20
CA ASN A 155 18.88 -26.90 -33.87
C ASN A 155 17.86 -27.12 -32.74
N PRO A 156 16.58 -27.14 -33.07
CA PRO A 156 15.55 -27.10 -32.02
C PRO A 156 15.65 -28.28 -31.05
N LYS A 157 15.35 -27.97 -29.79
CA LYS A 157 15.51 -28.90 -28.67
C LYS A 157 14.17 -29.48 -28.25
N VAL A 158 14.24 -30.63 -27.59
CA VAL A 158 13.05 -31.28 -27.03
C VAL A 158 12.30 -30.30 -26.14
N ALA A 159 13.02 -29.42 -25.46
CA ALA A 159 12.39 -28.41 -24.62
C ALA A 159 11.35 -27.60 -25.37
N GLU A 160 11.54 -27.42 -26.68
CA GLU A 160 10.62 -26.57 -27.43
C GLU A 160 9.23 -27.16 -27.49
N VAL A 161 9.09 -28.49 -27.53
CA VAL A 161 7.76 -29.07 -27.62
C VAL A 161 7.22 -29.39 -26.24
N ILE A 162 8.06 -29.35 -25.21
CA ILE A 162 7.56 -29.54 -23.85
C ILE A 162 6.92 -28.25 -23.36
N TYR A 163 7.50 -27.12 -23.71
CA TYR A 163 6.93 -25.83 -23.30
C TYR A 163 5.43 -25.68 -23.52
N PRO A 164 4.89 -25.92 -24.73
CA PRO A 164 3.43 -25.71 -24.90
C PRO A 164 2.57 -26.66 -24.09
N ILE A 165 2.94 -27.94 -23.96
CA ILE A 165 2.06 -28.78 -23.15
C ILE A 165 2.20 -28.43 -21.69
N MET A 166 3.32 -27.89 -21.29
CA MET A 166 3.47 -27.41 -19.90
CA MET A 166 3.44 -27.43 -19.90
C MET A 166 2.59 -26.19 -19.64
N GLN A 167 2.49 -25.29 -20.61
CA GLN A 167 1.64 -24.11 -20.46
C GLN A 167 0.16 -24.48 -20.46
N VAL A 168 -0.25 -25.41 -21.32
CA VAL A 168 -1.61 -25.91 -21.31
C VAL A 168 -1.94 -26.52 -19.95
N ASN A 169 -1.01 -27.32 -19.37
CA ASN A 169 -1.33 -28.01 -18.12
C ASN A 169 -1.46 -26.99 -17.01
N ALA A 170 -0.62 -25.97 -17.04
CA ALA A 170 -0.65 -24.94 -16.02
C ALA A 170 -1.97 -24.16 -16.06
N ALA A 171 -2.52 -23.97 -17.26
CA ALA A 171 -3.82 -23.30 -17.37
C ALA A 171 -4.91 -24.18 -16.82
N HIS A 172 -4.82 -25.48 -17.08
CA HIS A 172 -5.77 -26.43 -16.52
C HIS A 172 -5.68 -26.44 -15.00
N TYR A 173 -4.47 -26.37 -14.47
CA TYR A 173 -4.25 -26.42 -13.04
C TYR A 173 -4.72 -25.14 -12.37
N MET A 174 -4.61 -24.01 -13.05
CA MET A 174 -5.05 -22.75 -12.47
C MET A 174 -6.56 -22.61 -12.50
N GLY A 175 -7.19 -23.13 -13.54
CA GLY A 175 -8.62 -22.95 -13.74
C GLY A 175 -9.14 -21.53 -13.77
N VAL A 176 -8.37 -20.57 -14.28
CA VAL A 176 -8.88 -19.19 -14.28
C VAL A 176 -9.80 -18.96 -15.48
N ASP A 177 -10.58 -17.88 -15.40
CA ASP A 177 -11.46 -17.50 -16.50
C ASP A 177 -10.70 -16.80 -17.61
N VAL A 178 -9.65 -16.05 -17.26
CA VAL A 178 -8.97 -15.15 -18.18
C VAL A 178 -7.47 -15.39 -18.05
N ASN A 179 -6.79 -15.52 -19.18
CA ASN A 179 -5.34 -15.52 -19.24
C ASN A 179 -4.87 -14.24 -19.93
N VAL A 180 -3.78 -13.64 -19.42
CA VAL A 180 -3.23 -12.39 -19.96
C VAL A 180 -1.77 -12.59 -20.34
N GLY A 181 -1.37 -12.06 -21.50
CA GLY A 181 0.02 -12.10 -21.90
C GLY A 181 0.23 -11.24 -23.14
N GLY A 182 1.36 -11.42 -23.79
CA GLY A 182 1.67 -10.73 -25.02
C GLY A 182 1.17 -11.49 -26.26
N MET A 183 1.17 -10.80 -27.43
CA MET A 183 0.79 -11.48 -28.66
C MET A 183 1.75 -12.63 -29.01
N GLU A 184 2.99 -12.57 -28.52
CA GLU A 184 3.91 -13.70 -28.61
C GLU A 184 3.26 -14.99 -28.13
N GLN A 185 2.47 -14.91 -27.07
CA GLN A 185 1.89 -16.11 -26.48
C GLN A 185 0.64 -16.58 -27.21
N ARG A 186 0.27 -15.89 -28.30
CA ARG A 186 -1.02 -16.08 -28.95
C ARG A 186 -1.31 -17.55 -29.28
N LYS A 187 -0.33 -18.20 -29.87
CA LYS A 187 -0.52 -19.56 -30.33
C LYS A 187 -0.59 -20.55 -29.17
N ILE A 188 0.08 -20.24 -28.06
CA ILE A 188 -0.03 -21.08 -26.86
C ILE A 188 -1.44 -20.98 -26.30
N HIS A 189 -1.96 -19.74 -26.22
CA HIS A 189 -3.30 -19.52 -25.71
C HIS A 189 -4.35 -20.20 -26.59
N MET A 190 -4.11 -20.23 -27.89
CA MET A 190 -5.07 -20.87 -28.78
C MET A 190 -5.02 -22.39 -28.63
N LEU A 191 -3.86 -22.94 -28.28
CA LEU A 191 -3.79 -24.36 -28.03
C LEU A 191 -4.49 -24.70 -26.72
N GLN A 192 -4.34 -23.86 -25.69
CA GLN A 192 -5.11 -24.05 -24.45
C GLN A 192 -6.60 -24.10 -24.74
N ARG A 193 -7.08 -23.22 -25.62
CA ARG A 193 -8.51 -23.16 -25.91
C ARG A 193 -8.95 -24.39 -26.70
N GLU A 194 -8.06 -24.97 -27.51
CA GLU A 194 -8.36 -26.17 -28.30
C GLU A 194 -8.44 -27.41 -27.44
N LEU A 195 -7.46 -27.57 -26.54
CA LEU A 195 -7.23 -28.84 -25.86
C LEU A 195 -7.96 -28.95 -24.53
N LEU A 196 -8.46 -27.86 -24.01
CA LEU A 196 -9.00 -27.91 -22.67
C LEU A 196 -10.51 -27.72 -22.70
N PRO A 197 -11.23 -28.40 -21.78
CA PRO A 197 -12.72 -28.32 -21.76
C PRO A 197 -13.26 -26.93 -21.41
N LYS A 198 -12.73 -26.36 -20.34
CA LYS A 198 -13.00 -24.98 -19.99
C LYS A 198 -12.25 -24.09 -20.98
N LYS A 199 -12.98 -23.25 -21.72
CA LYS A 199 -12.41 -22.31 -22.69
C LYS A 199 -11.97 -21.02 -22.00
N VAL A 200 -10.66 -20.84 -21.85
CA VAL A 200 -10.12 -19.64 -21.22
C VAL A 200 -10.22 -18.44 -22.16
N VAL A 201 -10.56 -17.26 -21.61
CA VAL A 201 -10.56 -16.02 -22.38
C VAL A 201 -9.15 -15.44 -22.35
N CYS A 202 -8.62 -15.03 -23.49
CA CYS A 202 -7.21 -14.61 -23.56
C CYS A 202 -7.15 -13.14 -23.96
N ILE A 203 -6.36 -12.36 -23.20
CA ILE A 203 -6.17 -10.93 -23.42
C ILE A 203 -4.70 -10.72 -23.75
N HIS A 204 -4.43 -10.10 -24.90
CA HIS A 204 -3.05 -9.88 -25.33
C HIS A 204 -2.73 -8.40 -25.31
N ASN A 205 -1.68 -8.08 -24.63
CA ASN A 205 -1.24 -6.71 -24.47
C ASN A 205 -0.14 -6.41 -25.47
N PRO A 206 -0.02 -5.16 -25.88
CA PRO A 206 1.10 -4.78 -26.73
C PRO A 206 2.38 -4.83 -25.91
N VAL A 207 3.51 -4.75 -26.62
CA VAL A 207 4.80 -4.60 -25.96
C VAL A 207 5.30 -3.18 -26.24
N LEU A 208 6.32 -2.78 -25.49
CA LEU A 208 6.88 -1.43 -25.57
C LEU A 208 8.20 -1.47 -26.30
N THR A 209 8.43 -0.49 -27.14
CA THR A 209 9.75 -0.30 -27.72
C THR A 209 10.71 0.18 -26.63
N GLY A 210 11.96 -0.32 -26.67
CA GLY A 210 12.98 0.18 -25.76
C GLY A 210 13.42 1.59 -26.12
N LEU A 211 14.10 2.25 -25.17
CA LEU A 211 14.47 3.65 -25.41
C LEU A 211 15.40 3.81 -26.61
N ASP A 212 16.20 2.79 -26.93
CA ASP A 212 17.08 2.80 -28.10
C ASP A 212 16.33 2.64 -29.41
N GLY A 213 15.04 2.28 -29.38
CA GLY A 213 14.33 2.07 -30.62
C GLY A 213 14.69 0.80 -31.37
N GLU A 214 15.50 -0.07 -30.78
CA GLU A 214 16.06 -1.22 -31.52
C GLU A 214 15.29 -2.52 -31.30
N GLY A 215 14.39 -2.57 -30.35
CA GLY A 215 13.63 -3.76 -30.08
C GLY A 215 12.71 -3.52 -28.91
N LYS A 216 12.23 -4.59 -28.31
CA LYS A 216 11.31 -4.40 -27.19
C LYS A 216 12.08 -3.98 -25.93
N MET A 217 11.37 -3.29 -25.03
CA MET A 217 12.03 -2.81 -23.82
C MET A 217 12.58 -4.01 -23.07
N SER A 218 13.82 -3.88 -22.62
CA SER A 218 14.56 -4.91 -21.91
C SER A 218 15.52 -4.23 -20.93
N SER A 219 16.29 -5.04 -20.24
CA SER A 219 17.14 -4.48 -19.19
CA SER A 219 17.20 -4.60 -19.19
C SER A 219 18.49 -3.96 -19.71
N SER A 220 18.64 -3.79 -21.04
CA SER A 220 19.89 -3.28 -21.60
C SER A 220 20.17 -1.87 -21.10
N LYS A 221 21.46 -1.58 -20.88
CA LYS A 221 21.89 -0.29 -20.34
C LYS A 221 21.21 0.85 -21.08
N GLY A 222 20.52 1.70 -20.33
CA GLY A 222 19.77 2.84 -20.85
C GLY A 222 18.62 2.54 -21.78
N ASN A 223 18.18 1.27 -21.87
CA ASN A 223 17.10 0.84 -22.80
C ASN A 223 15.73 0.78 -22.16
N PHE A 224 15.63 0.94 -20.84
CA PHE A 224 14.37 0.87 -20.12
C PHE A 224 14.29 2.02 -19.13
N ILE A 225 13.05 2.38 -18.76
CA ILE A 225 12.78 3.16 -17.56
C ILE A 225 12.30 2.19 -16.48
N ALA A 226 13.01 2.14 -15.36
CA ALA A 226 12.54 1.38 -14.20
C ALA A 226 11.59 2.23 -13.37
N VAL A 227 10.55 1.58 -12.82
CA VAL A 227 9.51 2.32 -12.12
C VAL A 227 10.04 3.05 -10.91
N ASP A 228 11.17 2.62 -10.36
CA ASP A 228 11.79 3.32 -9.24
C ASP A 228 12.98 4.18 -9.66
N ASP A 229 13.12 4.47 -10.96
CA ASP A 229 14.22 5.35 -11.37
C ASP A 229 14.00 6.73 -10.76
N SER A 230 15.10 7.41 -10.44
CA SER A 230 14.98 8.76 -9.92
C SER A 230 14.51 9.70 -11.03
N PRO A 231 13.90 10.84 -10.65
CA PRO A 231 13.62 11.86 -11.67
C PRO A 231 14.82 12.21 -12.53
N GLU A 232 16.03 12.34 -11.97
CA GLU A 232 17.15 12.71 -12.83
CA GLU A 232 17.15 12.71 -12.83
C GLU A 232 17.48 11.56 -13.80
N GLU A 233 17.39 10.31 -13.35
CA GLU A 233 17.64 9.16 -14.23
C GLU A 233 16.60 9.10 -15.35
N ILE A 234 15.35 9.39 -15.04
CA ILE A 234 14.31 9.41 -16.07
C ILE A 234 14.60 10.50 -17.09
N ARG A 235 14.96 11.70 -16.62
CA ARG A 235 15.22 12.79 -17.57
C ARG A 235 16.40 12.48 -18.48
N ALA A 236 17.48 11.92 -17.90
CA ALA A 236 18.67 11.60 -18.68
C ALA A 236 18.39 10.51 -19.72
N LYS A 237 17.63 9.49 -19.36
CA LYS A 237 17.38 8.41 -20.31
C LYS A 237 16.46 8.87 -21.45
N ILE A 238 15.41 9.61 -21.11
CA ILE A 238 14.50 10.13 -22.14
C ILE A 238 15.23 11.09 -23.08
N LYS A 239 16.14 11.89 -22.53
CA LYS A 239 16.87 12.87 -23.35
C LYS A 239 17.60 12.21 -24.50
N LYS A 240 18.20 11.06 -24.29
CA LYS A 240 18.97 10.44 -25.37
C LYS A 240 18.22 9.30 -26.04
N ALA A 241 16.93 9.16 -25.75
CA ALA A 241 16.12 8.14 -26.41
C ALA A 241 15.92 8.42 -27.90
N TYR A 242 15.62 7.34 -28.62
CA TYR A 242 15.20 7.44 -30.01
C TYR A 242 13.84 8.14 -30.10
N CYS A 243 13.74 9.18 -30.94
CA CYS A 243 12.54 10.01 -30.98
C CYS A 243 12.60 10.91 -32.20
N PRO A 244 12.56 10.38 -33.40
CA PRO A 244 12.80 11.22 -34.57
C PRO A 244 11.57 12.05 -34.90
N ALA A 245 11.83 13.26 -35.35
CA ALA A 245 10.77 14.19 -35.69
C ALA A 245 9.77 13.55 -36.65
N GLY A 246 8.49 13.70 -36.35
CA GLY A 246 7.46 13.24 -37.26
C GLY A 246 7.18 11.75 -37.25
N VAL A 247 7.99 10.95 -36.55
CA VAL A 247 7.82 9.50 -36.55
C VAL A 247 7.07 9.08 -35.29
N VAL A 248 5.92 8.43 -35.46
CA VAL A 248 5.19 7.87 -34.33
C VAL A 248 5.46 6.37 -34.18
N GLU A 249 5.46 5.62 -35.28
CA GLU A 249 5.72 4.19 -35.19
C GLU A 249 7.12 3.89 -34.65
N GLY A 250 7.20 2.95 -33.69
CA GLY A 250 8.51 2.57 -33.18
C GLY A 250 9.18 3.65 -32.35
N ASN A 251 8.42 4.67 -31.94
CA ASN A 251 8.93 5.81 -31.18
C ASN A 251 8.64 5.59 -29.69
N PRO A 252 9.62 5.19 -28.87
CA PRO A 252 9.28 4.84 -27.49
C PRO A 252 8.74 5.98 -26.68
N ILE A 253 9.09 7.22 -27.01
CA ILE A 253 8.52 8.36 -26.29
C ILE A 253 7.03 8.50 -26.58
N MET A 254 6.61 8.28 -27.83
CA MET A 254 5.19 8.35 -28.13
C MET A 254 4.43 7.18 -27.53
N GLU A 255 5.05 5.99 -27.49
CA GLU A 255 4.40 4.87 -26.83
C GLU A 255 4.20 5.14 -25.34
N ILE A 256 5.13 5.83 -24.69
CA ILE A 256 4.93 6.13 -23.28
C ILE A 256 3.76 7.08 -23.12
N ALA A 257 3.68 8.09 -23.97
CA ALA A 257 2.54 8.97 -23.94
C ALA A 257 1.24 8.22 -24.15
N LYS A 258 1.26 7.20 -25.02
CA LYS A 258 0.02 6.46 -25.26
C LYS A 258 -0.38 5.59 -24.08
N TYR A 259 0.57 4.86 -23.51
CA TYR A 259 0.20 3.80 -22.55
C TYR A 259 0.23 4.25 -21.10
N PHE A 260 0.91 5.36 -20.75
CA PHE A 260 1.05 5.71 -19.34
C PHE A 260 0.54 7.09 -18.96
N LEU A 261 0.45 8.04 -19.87
CA LEU A 261 0.13 9.41 -19.47
C LEU A 261 -1.37 9.60 -19.38
N GLU A 262 -1.77 10.55 -18.56
CA GLU A 262 -3.17 10.87 -18.39
C GLU A 262 -3.49 12.13 -19.15
N TYR A 263 -4.65 12.14 -19.82
CA TYR A 263 -5.08 13.28 -20.61
C TYR A 263 -6.30 13.93 -19.98
N PRO A 264 -6.51 15.25 -20.20
CA PRO A 264 -5.66 16.11 -21.06
C PRO A 264 -4.35 16.46 -20.41
N LEU A 265 -3.39 16.87 -21.22
CA LEU A 265 -2.15 17.35 -20.65
C LEU A 265 -1.63 18.51 -21.48
N THR A 266 -0.78 19.28 -20.84
CA THR A 266 -0.35 20.57 -21.35
C THR A 266 1.13 20.53 -21.64
N ILE A 267 1.52 20.97 -22.84
CA ILE A 267 2.90 21.07 -23.28
C ILE A 267 3.22 22.53 -23.44
N LYS A 268 4.15 23.03 -22.62
CA LYS A 268 4.61 24.41 -22.74
C LYS A 268 5.29 24.61 -24.10
N ARG A 269 4.88 25.67 -24.79
CA ARG A 269 5.36 25.94 -26.12
C ARG A 269 5.31 27.45 -26.33
N PRO A 270 6.27 28.04 -27.03
CA PRO A 270 6.24 29.50 -27.20
C PRO A 270 5.03 29.96 -28.02
N GLU A 271 4.67 31.22 -27.77
CA GLU A 271 3.55 31.86 -28.47
C GLU A 271 3.71 31.85 -30.00
N LYS A 272 4.93 31.94 -30.55
CA LYS A 272 5.03 32.04 -32.00
C LYS A 272 4.60 30.76 -32.71
N PHE A 273 4.51 29.67 -31.97
CA PHE A 273 3.99 28.40 -32.48
C PHE A 273 2.49 28.24 -32.22
N GLY A 274 1.88 29.17 -31.48
CA GLY A 274 0.52 29.02 -31.00
C GLY A 274 0.40 29.00 -29.49
N GLY A 275 1.50 29.00 -28.74
CA GLY A 275 1.39 29.01 -27.31
C GLY A 275 1.24 27.61 -26.74
N ASP A 276 0.95 27.58 -25.46
CA ASP A 276 0.91 26.31 -24.75
C ASP A 276 -0.12 25.39 -25.38
N LEU A 277 0.22 24.11 -25.45
CA LEU A 277 -0.62 23.11 -26.10
C LEU A 277 -1.36 22.34 -25.04
N THR A 278 -2.68 22.34 -25.10
CA THR A 278 -3.43 21.42 -24.25
C THR A 278 -3.93 20.31 -25.18
N VAL A 279 -3.44 19.09 -24.97
CA VAL A 279 -3.76 18.00 -25.88
C VAL A 279 -4.80 17.13 -25.18
N ASN A 280 -5.93 16.93 -25.85
CA ASN A 280 -7.08 16.26 -25.27
C ASN A 280 -6.89 14.75 -25.16
N SER A 281 -6.05 14.17 -26.00
CA SER A 281 -5.97 12.73 -26.06
C SER A 281 -4.66 12.38 -26.72
N TYR A 282 -4.28 11.11 -26.58
CA TYR A 282 -3.14 10.59 -27.32
C TYR A 282 -3.30 10.80 -28.83
N GLU A 283 -4.52 10.60 -29.37
CA GLU A 283 -4.68 10.75 -30.82
C GLU A 283 -4.38 12.18 -31.26
N GLU A 284 -4.71 13.17 -30.43
CA GLU A 284 -4.37 14.55 -30.78
C GLU A 284 -2.87 14.76 -30.76
N LEU A 285 -2.19 14.16 -29.78
CA LEU A 285 -0.75 14.20 -29.72
C LEU A 285 -0.15 13.55 -30.96
N GLU A 286 -0.74 12.45 -31.40
CA GLU A 286 -0.19 11.71 -32.53
C GLU A 286 -0.26 12.51 -33.82
N SER A 287 -1.40 13.15 -34.08
CA SER A 287 -1.53 13.96 -35.29
C SER A 287 -0.57 15.15 -35.28
N LEU A 288 -0.47 15.83 -34.14
CA LEU A 288 0.45 16.95 -34.00
C LEU A 288 1.89 16.53 -34.27
N PHE A 289 2.31 15.42 -33.69
CA PHE A 289 3.71 15.01 -33.86
C PHE A 289 3.96 14.49 -35.26
N LYS A 290 3.04 13.67 -35.79
CA LYS A 290 3.19 13.21 -37.18
C LYS A 290 3.36 14.38 -38.15
N ASN A 291 2.69 15.49 -37.89
CA ASN A 291 2.69 16.67 -38.75
C ASN A 291 3.88 17.61 -38.49
N LYS A 292 4.75 17.22 -37.56
CA LYS A 292 5.89 18.04 -37.12
C LYS A 292 5.40 19.36 -36.57
N GLU A 293 4.22 19.32 -35.97
CA GLU A 293 3.68 20.46 -35.26
C GLU A 293 4.09 20.51 -33.80
N LEU A 294 4.89 19.54 -33.35
CA LEU A 294 5.41 19.44 -32.00
C LEU A 294 6.83 18.88 -32.14
N HIS A 295 7.79 19.60 -31.65
CA HIS A 295 9.19 19.23 -31.86
C HIS A 295 9.61 18.13 -30.87
N PRO A 296 10.47 17.18 -31.26
CA PRO A 296 10.89 16.12 -30.33
C PRO A 296 11.40 16.59 -28.99
N MET A 297 12.16 17.69 -28.94
CA MET A 297 12.67 18.07 -27.62
C MET A 297 11.55 18.52 -26.68
N ARG A 298 10.51 19.19 -27.20
CA ARG A 298 9.40 19.55 -26.31
C ARG A 298 8.54 18.35 -25.97
N LEU A 299 8.35 17.41 -26.90
CA LEU A 299 7.68 16.15 -26.53
C LEU A 299 8.44 15.44 -25.40
N LYS A 300 9.74 15.25 -25.58
CA LYS A 300 10.57 14.57 -24.57
C LYS A 300 10.48 15.24 -23.22
N ASN A 301 10.65 16.57 -23.17
CA ASN A 301 10.59 17.23 -21.88
C ASN A 301 9.23 17.05 -21.21
N ALA A 302 8.15 17.16 -21.97
CA ALA A 302 6.81 16.94 -21.41
C ALA A 302 6.64 15.50 -20.95
N VAL A 303 6.97 14.55 -21.80
CA VAL A 303 6.74 13.15 -21.44
C VAL A 303 7.54 12.82 -20.18
N ALA A 304 8.78 13.30 -20.11
CA ALA A 304 9.60 13.00 -18.94
C ALA A 304 8.95 13.53 -17.67
N GLU A 305 8.47 14.77 -17.68
CA GLU A 305 7.92 15.34 -16.46
C GLU A 305 6.61 14.66 -16.07
N GLU A 306 5.75 14.37 -17.04
CA GLU A 306 4.51 13.64 -16.74
C GLU A 306 4.82 12.26 -16.18
N LEU A 307 5.71 11.53 -16.85
CA LEU A 307 6.05 10.19 -16.38
C LEU A 307 6.60 10.22 -14.95
N ILE A 308 7.50 11.17 -14.63
CA ILE A 308 8.00 11.30 -13.27
C ILE A 308 6.84 11.42 -12.27
N LYS A 309 5.84 12.23 -12.59
CA LYS A 309 4.69 12.39 -11.71
C LYS A 309 3.88 11.11 -11.61
N ILE A 310 3.75 10.38 -12.71
CA ILE A 310 3.00 9.12 -12.68
C ILE A 310 3.71 8.12 -11.79
N LEU A 311 5.02 8.05 -11.90
CA LEU A 311 5.76 7.04 -11.19
C LEU A 311 6.05 7.42 -9.74
N GLU A 312 5.85 8.68 -9.36
CA GLU A 312 6.27 9.11 -8.02
C GLU A 312 5.60 8.34 -6.88
N PRO A 313 4.29 8.06 -6.93
CA PRO A 313 3.69 7.30 -5.82
C PRO A 313 4.28 5.92 -5.68
N ILE A 314 4.73 5.33 -6.80
CA ILE A 314 5.35 4.01 -6.75
C ILE A 314 6.73 4.09 -6.14
N ARG A 315 7.55 4.99 -6.67
CA ARG A 315 8.90 5.21 -6.17
C ARG A 315 8.88 5.42 -4.67
N LYS A 316 7.93 6.21 -4.20
CA LYS A 316 7.89 6.55 -2.78
C LYS A 316 7.45 5.38 -1.93
N ARG A 317 6.66 4.44 -2.48
CA ARG A 317 6.31 3.24 -1.70
C ARG A 317 7.44 2.22 -1.65
N LEU A 318 8.48 2.41 -2.43
CA LEU A 318 9.61 1.48 -2.46
C LEU A 318 10.85 2.01 -1.75
N MET B 13 12.04 -12.77 21.06
CA MET B 13 11.39 -11.87 22.07
C MET B 13 11.96 -10.47 22.21
N ASP B 14 13.08 -10.15 21.56
CA ASP B 14 13.43 -8.74 21.45
C ASP B 14 12.35 -8.03 20.62
N GLU B 15 11.90 -8.66 19.54
CA GLU B 15 10.76 -8.11 18.78
C GLU B 15 9.51 -8.02 19.64
N PHE B 16 9.06 -9.14 20.21
CA PHE B 16 7.82 -9.13 20.96
C PHE B 16 7.87 -8.10 22.10
N GLU B 17 9.00 -8.02 22.80
CA GLU B 17 9.19 -6.93 23.76
C GLU B 17 8.98 -5.58 23.13
N MET B 18 9.48 -5.41 21.91
CA MET B 18 9.25 -4.15 21.24
C MET B 18 7.76 -3.88 21.07
N ILE B 19 6.95 -4.93 20.88
CA ILE B 19 5.54 -4.74 20.57
C ILE B 19 4.74 -4.50 21.84
N LYS B 20 4.88 -5.38 22.84
CA LYS B 20 4.06 -5.26 24.03
C LYS B 20 4.34 -3.97 24.78
N ARG B 21 5.53 -3.40 24.61
CA ARG B 21 5.99 -2.33 25.49
C ARG B 21 5.10 -1.10 25.39
N ASN B 22 4.54 -0.69 26.54
CA ASN B 22 3.75 0.53 26.68
C ASN B 22 2.38 0.42 26.03
N THR B 23 1.91 -0.80 25.83
CA THR B 23 0.54 -1.04 25.43
C THR B 23 -0.28 -1.28 26.68
N SER B 24 -1.59 -1.10 26.53
CA SER B 24 -2.55 -1.37 27.59
C SER B 24 -3.03 -2.80 27.60
N GLU B 25 -3.15 -3.42 26.43
CA GLU B 25 -3.55 -4.81 26.38
C GLU B 25 -3.33 -5.32 24.98
N ILE B 26 -3.16 -6.64 24.90
CA ILE B 26 -3.08 -7.35 23.64
C ILE B 26 -4.08 -8.48 23.68
N ILE B 27 -4.98 -8.51 22.69
CA ILE B 27 -6.02 -9.50 22.60
C ILE B 27 -5.79 -10.38 21.38
N SER B 28 -5.14 -11.55 21.51
CA SER B 28 -4.57 -12.09 22.74
C SER B 28 -3.10 -12.23 22.55
N GLU B 29 -2.34 -12.27 23.65
CA GLU B 29 -0.92 -12.55 23.51
C GLU B 29 -0.69 -13.93 22.93
N GLU B 30 -1.53 -14.90 23.29
CA GLU B 30 -1.44 -16.21 22.64
C GLU B 30 -1.51 -16.07 21.11
N GLU B 31 -2.63 -15.56 20.60
CA GLU B 31 -2.78 -15.42 19.14
C GLU B 31 -1.66 -14.59 18.55
N LEU B 32 -1.18 -13.59 19.28
CA LEU B 32 -0.13 -12.74 18.74
C LEU B 32 1.15 -13.53 18.54
N ARG B 33 1.45 -14.47 19.45
CA ARG B 33 2.59 -15.35 19.26
C ARG B 33 2.46 -16.11 17.94
N GLU B 34 1.29 -16.72 17.70
CA GLU B 34 1.12 -17.48 16.47
C GLU B 34 1.34 -16.60 15.24
N VAL B 35 0.90 -15.32 15.30
CA VAL B 35 1.10 -14.40 14.18
C VAL B 35 2.58 -14.15 13.93
N LEU B 36 3.35 -14.06 15.01
CA LEU B 36 4.76 -13.72 14.86
C LEU B 36 5.54 -14.81 14.13
N LYS B 37 4.98 -16.01 13.99
CA LYS B 37 5.66 -17.13 13.34
C LYS B 37 5.55 -17.11 11.83
N LYS B 38 5.38 -15.95 11.18
CA LYS B 38 5.04 -15.88 9.77
C LYS B 38 5.95 -14.92 9.02
N ASP B 39 6.33 -15.30 7.80
CA ASP B 39 7.17 -14.43 7.01
C ASP B 39 6.40 -13.22 6.48
N GLU B 40 5.08 -13.34 6.42
CA GLU B 40 4.26 -12.22 5.99
C GLU B 40 3.13 -12.02 6.99
N LYS B 41 3.01 -10.77 7.45
CA LYS B 41 2.07 -10.37 8.48
C LYS B 41 1.84 -8.88 8.29
N SER B 42 0.63 -8.43 8.59
CA SER B 42 0.28 -7.04 8.37
C SER B 42 -0.50 -6.51 9.57
N ALA B 43 -0.31 -5.21 9.85
CA ALA B 43 -1.04 -4.53 10.92
C ALA B 43 -1.57 -3.20 10.40
N ALA B 44 -2.75 -2.81 10.88
CA ALA B 44 -3.38 -1.58 10.42
C ALA B 44 -3.88 -0.74 11.59
N ILE B 45 -3.90 0.56 11.38
CA ILE B 45 -4.57 1.49 12.28
C ILE B 45 -5.25 2.54 11.41
N GLY B 46 -6.39 3.03 11.88
CA GLY B 46 -7.09 4.12 11.21
C GLY B 46 -7.17 5.40 12.06
N PHE B 47 -7.09 6.54 11.40
CA PHE B 47 -7.26 7.81 12.08
C PHE B 47 -8.26 8.68 11.31
N GLU B 48 -9.31 9.17 12.00
CA GLU B 48 -10.07 10.28 11.43
C GLU B 48 -9.12 11.46 11.21
N PRO B 49 -9.03 12.01 10.00
CA PRO B 49 -8.10 13.13 9.80
C PRO B 49 -8.40 14.24 10.79
N SER B 50 -7.33 14.83 11.32
CA SER B 50 -7.44 15.85 12.36
C SER B 50 -6.50 17.01 12.03
N GLY B 51 -7.00 18.22 12.21
CA GLY B 51 -6.19 19.38 11.91
C GLY B 51 -5.03 19.53 12.86
N LYS B 52 -5.14 18.98 14.06
CA LYS B 52 -4.05 18.95 15.04
C LYS B 52 -3.67 17.50 15.32
N ILE B 53 -2.40 17.17 15.07
CA ILE B 53 -1.85 15.87 15.45
C ILE B 53 -1.09 16.08 16.75
N HIS B 54 -1.47 15.32 17.78
CA HIS B 54 -0.96 15.54 19.13
C HIS B 54 -0.26 14.28 19.64
N LEU B 55 0.16 14.31 20.91
CA LEU B 55 0.96 13.22 21.46
C LEU B 55 0.23 11.90 21.44
N GLY B 56 -1.10 11.91 21.57
CA GLY B 56 -1.84 10.65 21.50
C GLY B 56 -1.67 9.95 20.16
N HIS B 57 -1.76 10.71 19.07
CA HIS B 57 -1.40 10.18 17.75
C HIS B 57 0.03 9.69 17.74
N TYR B 58 0.95 10.49 18.23
CA TYR B 58 2.37 10.11 18.18
C TYR B 58 2.61 8.79 18.90
N LEU B 59 1.99 8.60 20.07
CA LEU B 59 2.14 7.32 20.74
C LEU B 59 1.72 6.17 19.85
N GLN B 60 0.63 6.35 19.13
CA GLN B 60 0.18 5.22 18.33
C GLN B 60 1.08 5.00 17.13
N ILE B 61 1.60 6.06 16.52
CA ILE B 61 2.50 5.85 15.39
C ILE B 61 3.80 5.18 15.86
N LYS B 62 4.29 5.56 17.06
CA LYS B 62 5.44 4.87 17.63
C LYS B 62 5.19 3.38 17.71
N LYS B 63 3.96 2.96 18.05
CA LYS B 63 3.66 1.55 18.16
C LYS B 63 3.64 0.88 16.77
N MET B 64 3.13 1.58 15.74
CA MET B 64 3.20 1.05 14.38
C MET B 64 4.66 0.87 13.94
N ILE B 65 5.53 1.81 14.29
CA ILE B 65 6.96 1.64 13.98
C ILE B 65 7.54 0.42 14.71
N ASP B 66 7.19 0.24 16.00
CA ASP B 66 7.52 -1.00 16.71
C ASP B 66 7.11 -2.24 15.90
N LEU B 67 5.86 -2.26 15.43
CA LEU B 67 5.36 -3.43 14.73
C LEU B 67 6.11 -3.64 13.42
N GLN B 68 6.45 -2.54 12.75
CA GLN B 68 7.25 -2.61 11.55
C GLN B 68 8.56 -3.35 11.83
N ASN B 69 9.24 -2.98 12.92
CA ASN B 69 10.54 -3.56 13.24
C ASN B 69 10.44 -5.03 13.66
N ALA B 70 9.25 -5.52 14.05
CA ALA B 70 9.04 -6.95 14.23
C ALA B 70 8.64 -7.69 12.95
N GLY B 71 8.77 -7.05 11.78
CA GLY B 71 8.48 -7.71 10.51
C GLY B 71 7.08 -7.53 9.95
N PHE B 72 6.33 -6.53 10.43
CA PHE B 72 4.97 -6.31 9.97
C PHE B 72 4.95 -5.29 8.82
N ASP B 73 4.11 -5.55 7.80
CA ASP B 73 3.80 -4.51 6.82
C ASP B 73 2.68 -3.65 7.39
N ILE B 74 2.85 -2.33 7.33
CA ILE B 74 2.02 -1.38 8.05
C ILE B 74 1.09 -0.69 7.07
N ILE B 75 -0.20 -0.64 7.41
CA ILE B 75 -1.20 0.10 6.67
C ILE B 75 -1.79 1.15 7.60
N ILE B 76 -1.72 2.42 7.20
CA ILE B 76 -2.35 3.54 7.91
C ILE B 76 -3.57 3.96 7.10
N ILE B 77 -4.76 3.87 7.69
CA ILE B 77 -5.97 4.34 7.02
C ILE B 77 -6.20 5.80 7.38
N LEU B 78 -6.17 6.66 6.37
CA LEU B 78 -6.60 8.04 6.54
C LEU B 78 -8.12 8.03 6.42
N ALA B 79 -8.83 8.02 7.55
CA ALA B 79 -10.23 7.56 7.55
C ALA B 79 -11.18 8.71 7.21
N ASP B 80 -11.16 9.09 5.92
CA ASP B 80 -11.96 10.24 5.47
C ASP B 80 -13.45 9.95 5.58
N LEU B 81 -13.87 8.75 5.24
CA LEU B 81 -15.29 8.45 5.32
C LEU B 81 -15.76 8.29 6.77
N ALA B 82 -14.93 7.72 7.65
CA ALA B 82 -15.29 7.71 9.07
C ALA B 82 -15.45 9.12 9.60
N ALA B 83 -14.50 9.99 9.29
CA ALA B 83 -14.62 11.38 9.75
C ALA B 83 -15.88 12.05 9.20
N TYR B 84 -16.19 11.78 7.93
CA TYR B 84 -17.43 12.27 7.32
C TYR B 84 -18.65 11.80 8.13
N LEU B 85 -18.76 10.49 8.34
CA LEU B 85 -19.88 9.94 9.11
C LEU B 85 -19.93 10.50 10.52
N ASN B 86 -18.77 10.86 11.07
CA ASN B 86 -18.67 11.38 12.43
C ASN B 86 -18.62 12.90 12.48
N GLN B 87 -19.12 13.56 11.43
CA GLN B 87 -19.53 14.96 11.52
C GLN B 87 -18.36 15.90 11.57
N LYS B 88 -17.26 15.55 10.89
CA LYS B 88 -16.09 16.41 10.88
C LYS B 88 -16.05 17.36 9.69
N GLY B 89 -17.04 17.33 8.77
CA GLY B 89 -17.04 18.24 7.65
C GLY B 89 -17.27 17.53 6.32
N GLU B 90 -16.90 18.16 5.21
CA GLU B 90 -17.17 17.60 3.91
C GLU B 90 -15.96 16.79 3.46
N LEU B 91 -16.19 15.80 2.59
CA LEU B 91 -15.11 14.89 2.21
C LEU B 91 -13.89 15.62 1.67
N ASP B 92 -14.09 16.62 0.81
CA ASP B 92 -12.90 17.23 0.18
C ASP B 92 -12.05 17.98 1.20
N GLU B 93 -12.69 18.69 2.14
CA GLU B 93 -11.96 19.31 3.24
C GLU B 93 -11.28 18.23 4.10
N ILE B 94 -12.01 17.17 4.44
CA ILE B 94 -11.45 16.10 5.26
C ILE B 94 -10.22 15.48 4.61
N ARG B 95 -10.29 15.25 3.28
CA ARG B 95 -9.19 14.62 2.56
C ARG B 95 -7.95 15.48 2.56
N LYS B 96 -8.12 16.80 2.41
CA LYS B 96 -6.98 17.71 2.56
C LYS B 96 -6.30 17.54 3.91
N ILE B 97 -7.08 17.53 5.00
CA ILE B 97 -6.50 17.26 6.31
C ILE B 97 -5.79 15.91 6.31
N GLY B 98 -6.39 14.91 5.65
CA GLY B 98 -5.77 13.62 5.62
C GLY B 98 -4.40 13.68 4.99
N ASP B 99 -4.27 14.46 3.93
CA ASP B 99 -2.98 14.55 3.26
C ASP B 99 -1.95 15.22 4.19
N TYR B 100 -2.39 16.23 4.94
CA TYR B 100 -1.50 16.83 5.93
C TYR B 100 -1.12 15.80 6.99
N ASN B 101 -2.09 15.04 7.49
CA ASN B 101 -1.78 14.03 8.47
C ASN B 101 -0.75 13.03 7.94
N LYS B 102 -0.85 12.64 6.67
CA LYS B 102 0.13 11.71 6.11
C LYS B 102 1.55 12.27 6.25
N LYS B 103 1.71 13.55 5.93
CA LYS B 103 3.01 14.20 6.05
C LYS B 103 3.52 14.21 7.49
N VAL B 104 2.65 14.45 8.47
CA VAL B 104 3.07 14.37 9.87
C VAL B 104 3.50 12.95 10.24
N PHE B 105 2.74 11.94 9.81
CA PHE B 105 3.11 10.59 10.19
C PHE B 105 4.43 10.19 9.55
N GLU B 106 4.64 10.59 8.30
CA GLU B 106 5.94 10.40 7.69
C GLU B 106 7.03 11.13 8.46
N ALA B 107 6.77 12.39 8.85
CA ALA B 107 7.76 13.14 9.62
C ALA B 107 8.08 12.44 10.93
N MET B 108 7.11 11.71 11.49
CA MET B 108 7.33 10.96 12.70
C MET B 108 8.26 9.78 12.47
N GLY B 109 8.58 9.47 11.22
CA GLY B 109 9.47 8.39 10.91
C GLY B 109 8.81 7.13 10.42
N LEU B 110 7.53 7.18 10.07
CA LEU B 110 6.82 5.98 9.64
C LEU B 110 6.70 6.02 8.12
N LYS B 111 7.37 5.08 7.48
CA LYS B 111 7.16 4.82 6.06
C LYS B 111 6.23 3.62 5.96
N ALA B 112 5.07 3.82 5.32
CA ALA B 112 4.03 2.83 5.37
C ALA B 112 3.15 2.99 4.12
N LYS B 113 2.15 2.14 4.00
CA LYS B 113 1.13 2.34 2.96
C LYS B 113 0.03 3.18 3.58
N TYR B 114 -0.13 4.39 3.07
CA TYR B 114 -1.15 5.34 3.50
C TYR B 114 -2.29 5.24 2.49
N VAL B 115 -3.50 4.96 2.96
CA VAL B 115 -4.64 4.69 2.09
C VAL B 115 -5.86 5.41 2.66
N TYR B 116 -6.62 6.08 1.81
CA TYR B 116 -7.85 6.73 2.26
C TYR B 116 -8.93 5.67 2.41
N GLY B 117 -9.73 5.77 3.47
CA GLY B 117 -10.78 4.78 3.66
C GLY B 117 -11.63 4.65 2.43
N SER B 118 -11.96 5.79 1.80
CA SER B 118 -12.82 5.83 0.63
C SER B 118 -12.23 5.14 -0.59
N GLU B 119 -10.96 4.79 -0.58
CA GLU B 119 -10.36 4.01 -1.68
C GLU B 119 -10.86 2.59 -1.69
N PHE B 120 -11.30 2.07 -0.55
CA PHE B 120 -11.82 0.71 -0.49
C PHE B 120 -13.18 0.60 0.17
N ALA B 121 -13.59 1.53 1.00
CA ALA B 121 -14.77 1.30 1.83
C ALA B 121 -16.04 1.60 1.08
N LEU B 122 -15.95 1.96 -0.21
CA LEU B 122 -17.13 2.09 -1.06
C LEU B 122 -17.22 0.99 -2.12
N ASP B 123 -16.32 0.02 -2.10
CA ASP B 123 -16.36 -1.08 -3.07
C ASP B 123 -17.65 -1.90 -2.88
N LYS B 124 -18.19 -2.45 -3.98
CA LYS B 124 -19.43 -3.22 -3.90
C LYS B 124 -19.35 -4.34 -2.86
N ASP B 125 -18.22 -5.06 -2.80
CA ASP B 125 -18.08 -6.18 -1.88
C ASP B 125 -17.94 -5.71 -0.44
N TYR B 126 -17.36 -4.53 -0.24
CA TYR B 126 -17.25 -3.97 1.11
C TYR B 126 -18.62 -3.60 1.63
N THR B 127 -19.36 -2.82 0.85
CA THR B 127 -20.69 -2.39 1.21
C THR B 127 -21.60 -3.59 1.46
N LEU B 128 -21.54 -4.60 0.60
CA LEU B 128 -22.43 -5.75 0.77
C LEU B 128 -22.19 -6.43 2.11
N ASN B 129 -20.93 -6.49 2.55
CA ASN B 129 -20.69 -7.08 3.85
C ASN B 129 -21.02 -6.12 4.99
N VAL B 130 -20.91 -4.80 4.80
CA VAL B 130 -21.45 -3.88 5.81
C VAL B 130 -22.92 -4.20 6.05
N TYR B 131 -23.67 -4.49 4.97
CA TYR B 131 -25.10 -4.75 5.11
C TYR B 131 -25.37 -6.12 5.75
N ARG B 132 -24.60 -7.16 5.36
CA ARG B 132 -24.63 -8.39 6.16
C ARG B 132 -24.38 -8.13 7.65
N LEU B 133 -23.32 -7.38 7.98
CA LEU B 133 -23.00 -7.19 9.40
C LEU B 133 -24.09 -6.42 10.14
N ALA B 134 -24.80 -5.53 9.45
CA ALA B 134 -25.82 -4.71 10.08
C ALA B 134 -26.96 -5.57 10.60
N LEU B 135 -27.19 -6.70 9.94
CA LEU B 135 -28.24 -7.62 10.35
C LEU B 135 -27.87 -8.37 11.62
N LYS B 136 -26.59 -8.37 11.98
CA LYS B 136 -26.10 -9.09 13.15
C LYS B 136 -25.67 -8.19 14.29
N THR B 137 -25.75 -6.87 14.13
CA THR B 137 -25.30 -5.92 15.14
C THR B 137 -26.50 -5.19 15.72
N THR B 138 -26.71 -5.30 17.04
CA THR B 138 -27.83 -4.57 17.62
C THR B 138 -27.54 -3.07 17.62
N LEU B 139 -28.63 -2.30 17.59
CA LEU B 139 -28.51 -0.86 17.77
C LEU B 139 -27.88 -0.52 19.12
N LYS B 140 -28.24 -1.28 20.15
CA LYS B 140 -27.69 -1.01 21.47
C LYS B 140 -26.16 -1.13 21.46
N ARG B 141 -25.68 -2.24 20.93
CA ARG B 141 -24.24 -2.52 20.93
C ARG B 141 -23.48 -1.54 20.03
N ALA B 142 -24.08 -1.19 18.89
CA ALA B 142 -23.45 -0.22 17.99
C ALA B 142 -23.30 1.13 18.66
N ARG B 143 -24.38 1.60 19.33
CA ARG B 143 -24.29 2.90 19.98
C ARG B 143 -23.31 2.84 21.14
N ARG B 144 -23.31 1.72 21.88
CA ARG B 144 -22.42 1.58 23.01
C ARG B 144 -20.98 1.62 22.54
N SER B 145 -20.68 0.96 21.41
CA SER B 145 -19.30 0.89 20.92
C SER B 145 -18.77 2.27 20.54
N MET B 146 -19.66 3.26 20.32
CA MET B 146 -19.30 4.61 19.89
C MET B 146 -19.29 5.65 20.99
N GLU B 147 -19.55 5.28 22.26
CA GLU B 147 -19.66 6.29 23.32
C GLU B 147 -18.40 7.15 23.44
N LEU B 148 -17.24 6.58 23.21
CA LEU B 148 -16.00 7.33 23.36
C LEU B 148 -15.48 7.87 22.04
N ILE B 149 -16.21 7.68 20.95
CA ILE B 149 -15.76 8.06 19.62
C ILE B 149 -16.68 9.07 18.97
N ALA B 150 -18.00 8.89 19.15
CA ALA B 150 -18.99 9.70 18.45
C ALA B 150 -18.95 11.16 18.87
N ARG B 151 -18.90 12.06 17.89
CA ARG B 151 -19.09 13.48 18.15
C ARG B 151 -20.42 13.70 18.86
N GLU B 152 -20.38 14.51 19.92
CA GLU B 152 -21.58 14.67 20.76
C GLU B 152 -22.75 15.20 19.92
N ASP B 153 -23.88 14.49 19.97
CA ASP B 153 -25.07 14.91 19.22
C ASP B 153 -26.30 14.68 20.09
N GLU B 154 -26.86 15.79 20.57
CA GLU B 154 -28.22 15.93 21.08
C GLU B 154 -29.23 15.02 20.37
N ASN B 155 -29.18 15.04 19.02
CA ASN B 155 -30.08 14.28 18.15
C ASN B 155 -29.26 13.32 17.30
N PRO B 156 -28.84 12.18 17.86
CA PRO B 156 -27.86 11.35 17.17
C PRO B 156 -28.38 10.86 15.82
N LYS B 157 -27.47 10.76 14.87
CA LYS B 157 -27.74 10.41 13.47
C LYS B 157 -27.53 8.92 13.18
N VAL B 158 -28.19 8.48 12.11
CA VAL B 158 -28.02 7.09 11.64
C VAL B 158 -26.55 6.80 11.38
N ALA B 159 -25.83 7.81 10.90
CA ALA B 159 -24.40 7.70 10.65
C ALA B 159 -23.66 7.06 11.83
N GLU B 160 -24.03 7.43 13.05
CA GLU B 160 -23.31 6.94 14.24
C GLU B 160 -23.32 5.42 14.35
N VAL B 161 -24.35 4.73 13.86
CA VAL B 161 -24.36 3.28 14.01
C VAL B 161 -23.85 2.57 12.78
N ILE B 162 -23.75 3.25 11.65
CA ILE B 162 -23.08 2.66 10.50
C ILE B 162 -21.56 2.66 10.72
N TYR B 163 -21.04 3.73 11.33
CA TYR B 163 -19.60 3.86 11.53
C TYR B 163 -18.96 2.62 12.13
N PRO B 164 -19.41 2.07 13.27
CA PRO B 164 -18.70 0.92 13.85
C PRO B 164 -18.72 -0.31 12.99
N ILE B 165 -19.80 -0.55 12.23
CA ILE B 165 -19.85 -1.68 11.32
C ILE B 165 -18.85 -1.49 10.19
N MET B 166 -18.74 -0.28 9.65
CA MET B 166 -17.76 -0.08 8.62
C MET B 166 -16.37 -0.36 9.16
N GLN B 167 -16.13 -0.03 10.42
CA GLN B 167 -14.80 -0.26 10.97
C GLN B 167 -14.53 -1.74 11.17
N VAL B 168 -15.52 -2.49 11.70
CA VAL B 168 -15.39 -3.95 11.78
C VAL B 168 -14.97 -4.53 10.43
N ASN B 169 -15.59 -4.06 9.35
CA ASN B 169 -15.36 -4.68 8.07
C ASN B 169 -14.01 -4.33 7.48
N ALA B 170 -13.36 -3.27 7.97
CA ALA B 170 -12.11 -2.83 7.35
C ALA B 170 -11.04 -3.90 7.49
N ALA B 171 -10.93 -4.51 8.68
CA ALA B 171 -9.93 -5.55 8.86
C ALA B 171 -10.25 -6.79 8.06
N HIS B 172 -11.53 -7.17 7.98
CA HIS B 172 -11.91 -8.31 7.16
C HIS B 172 -11.52 -8.09 5.70
N TYR B 173 -11.89 -6.92 5.15
CA TYR B 173 -11.62 -6.62 3.74
C TYR B 173 -10.13 -6.60 3.42
N MET B 174 -9.33 -6.06 4.32
CA MET B 174 -7.90 -5.95 4.05
C MET B 174 -7.07 -7.18 4.45
N GLY B 175 -7.65 -8.12 5.19
CA GLY B 175 -6.91 -9.30 5.63
C GLY B 175 -5.71 -9.04 6.52
N VAL B 176 -5.82 -8.11 7.46
CA VAL B 176 -4.71 -7.84 8.37
C VAL B 176 -4.74 -8.83 9.52
N ASP B 177 -3.56 -9.13 10.08
CA ASP B 177 -3.50 -9.99 11.24
C ASP B 177 -3.70 -9.24 12.56
N VAL B 178 -3.34 -7.97 12.59
CA VAL B 178 -3.29 -7.18 13.81
C VAL B 178 -3.93 -5.82 13.53
N ASN B 179 -4.80 -5.40 14.43
CA ASN B 179 -5.39 -4.07 14.43
C ASN B 179 -4.85 -3.35 15.66
N VAL B 180 -4.44 -2.08 15.49
CA VAL B 180 -3.94 -1.27 16.59
C VAL B 180 -4.90 -0.09 16.78
N GLY B 181 -5.14 0.28 18.03
CA GLY B 181 -5.85 1.52 18.29
C GLY B 181 -5.75 1.86 19.76
N GLY B 182 -6.28 3.03 20.10
CA GLY B 182 -6.40 3.44 21.49
C GLY B 182 -7.46 2.62 22.18
N MET B 183 -7.46 2.70 23.52
CA MET B 183 -8.41 1.94 24.31
C MET B 183 -9.85 2.32 23.98
N GLU B 184 -10.07 3.50 23.43
CA GLU B 184 -11.43 3.89 23.11
C GLU B 184 -12.01 3.07 21.95
N GLN B 185 -11.16 2.36 21.18
CA GLN B 185 -11.60 1.50 20.09
C GLN B 185 -11.96 0.11 20.59
N ARG B 186 -11.80 -0.15 21.90
CA ARG B 186 -11.89 -1.51 22.46
C ARG B 186 -13.22 -2.18 22.13
N LYS B 187 -14.33 -1.45 22.30
CA LYS B 187 -15.65 -2.05 22.07
C LYS B 187 -15.89 -2.41 20.60
N ILE B 188 -15.43 -1.58 19.67
CA ILE B 188 -15.53 -1.96 18.25
C ILE B 188 -14.70 -3.21 18.00
N HIS B 189 -13.50 -3.27 18.59
CA HIS B 189 -12.66 -4.43 18.34
C HIS B 189 -13.28 -5.72 18.90
N MET B 190 -13.96 -5.65 20.06
CA MET B 190 -14.62 -6.84 20.59
CA MET B 190 -14.62 -6.84 20.58
C MET B 190 -15.76 -7.28 19.67
N LEU B 191 -16.56 -6.33 19.16
CA LEU B 191 -17.57 -6.67 18.18
C LEU B 191 -16.96 -7.35 16.97
N GLN B 192 -15.82 -6.82 16.52
CA GLN B 192 -15.14 -7.35 15.35
C GLN B 192 -14.67 -8.78 15.59
N ARG B 193 -14.23 -9.07 16.81
CA ARG B 193 -13.76 -10.43 17.11
C ARG B 193 -14.93 -11.42 17.18
N GLU B 194 -16.12 -10.97 17.57
CA GLU B 194 -17.28 -11.86 17.59
C GLU B 194 -17.86 -12.10 16.20
N LEU B 195 -17.79 -11.12 15.30
CA LEU B 195 -18.55 -11.16 14.06
C LEU B 195 -17.76 -11.71 12.87
N LEU B 196 -16.46 -11.62 12.90
CA LEU B 196 -15.75 -11.99 11.68
C LEU B 196 -15.26 -13.42 11.73
N PRO B 197 -15.15 -14.07 10.57
CA PRO B 197 -14.74 -15.49 10.57
C PRO B 197 -13.30 -15.69 11.03
N LYS B 198 -12.40 -14.78 10.67
CA LYS B 198 -11.02 -14.85 11.14
C LYS B 198 -10.85 -13.85 12.29
N LYS B 199 -10.32 -14.33 13.42
CA LYS B 199 -9.97 -13.44 14.52
C LYS B 199 -8.79 -12.59 14.09
N VAL B 200 -8.82 -11.31 14.45
CA VAL B 200 -7.63 -10.49 14.25
C VAL B 200 -7.20 -10.02 15.63
N VAL B 201 -5.89 -10.00 15.82
CA VAL B 201 -5.31 -9.62 17.10
C VAL B 201 -5.41 -8.12 17.27
N CYS B 202 -5.86 -7.67 18.45
CA CYS B 202 -6.08 -6.25 18.71
C CYS B 202 -5.12 -5.76 19.79
N ILE B 203 -4.32 -4.76 19.44
CA ILE B 203 -3.36 -4.12 20.34
C ILE B 203 -3.90 -2.73 20.69
N HIS B 204 -4.10 -2.48 21.98
CA HIS B 204 -4.66 -1.23 22.45
C HIS B 204 -3.64 -0.43 23.23
N ASN B 205 -3.45 0.76 22.83
CA ASN B 205 -2.57 1.73 23.46
C ASN B 205 -3.31 2.58 24.46
N PRO B 206 -2.62 3.09 25.49
CA PRO B 206 -3.30 3.93 26.49
C PRO B 206 -3.81 5.21 25.88
N VAL B 207 -4.76 5.83 26.59
CA VAL B 207 -5.29 7.12 26.20
C VAL B 207 -4.71 8.15 27.16
N LEU B 208 -3.99 9.12 26.61
CA LEU B 208 -3.34 10.12 27.46
C LEU B 208 -4.35 11.03 28.14
N THR B 209 -4.02 11.46 29.35
CA THR B 209 -4.79 12.45 30.07
C THR B 209 -4.58 13.84 29.47
N GLY B 210 -5.66 14.63 29.42
CA GLY B 210 -5.55 16.02 28.99
C GLY B 210 -4.70 16.86 29.92
N LEU B 211 -4.16 17.94 29.37
CA LEU B 211 -3.20 18.75 30.11
C LEU B 211 -3.81 19.33 31.39
N ASP B 212 -5.12 19.58 31.41
CA ASP B 212 -5.75 20.07 32.64
C ASP B 212 -6.23 18.97 33.57
N GLY B 213 -5.95 17.70 33.26
CA GLY B 213 -6.31 16.57 34.09
C GLY B 213 -7.74 16.10 33.95
N GLU B 214 -8.57 16.82 33.16
CA GLU B 214 -9.99 16.53 33.02
C GLU B 214 -10.18 15.68 31.77
N GLY B 215 -10.33 14.38 31.96
CA GLY B 215 -10.59 13.56 30.80
C GLY B 215 -9.39 13.51 29.86
N LYS B 216 -9.67 13.08 28.64
CA LYS B 216 -8.62 12.62 27.74
C LYS B 216 -8.15 13.71 26.80
N MET B 217 -6.92 13.54 26.30
CA MET B 217 -6.35 14.45 25.31
C MET B 217 -7.13 14.31 24.00
N SER B 218 -7.56 15.43 23.43
CA SER B 218 -8.37 15.39 22.22
C SER B 218 -8.20 16.67 21.42
N SER B 219 -8.16 16.53 20.10
CA SER B 219 -8.05 17.68 19.21
C SER B 219 -9.20 18.66 19.37
N SER B 220 -10.36 18.21 19.89
CA SER B 220 -11.51 19.08 20.07
C SER B 220 -11.70 19.54 21.51
N LYS B 221 -10.75 19.27 22.40
CA LYS B 221 -10.84 19.69 23.80
C LYS B 221 -9.82 20.76 24.19
N GLY B 222 -8.91 21.16 23.29
CA GLY B 222 -7.93 22.20 23.62
C GLY B 222 -7.03 21.89 24.81
N ASN B 223 -6.66 20.62 24.99
CA ASN B 223 -5.99 20.17 26.21
C ASN B 223 -4.84 19.23 25.85
N PHE B 224 -4.13 19.57 24.77
CA PHE B 224 -3.16 18.67 24.13
C PHE B 224 -1.90 19.44 23.80
N ILE B 225 -0.81 18.70 23.64
CA ILE B 225 0.39 19.23 22.99
C ILE B 225 0.41 18.68 21.56
N ALA B 226 0.50 19.59 20.58
CA ALA B 226 0.58 19.19 19.18
C ALA B 226 2.04 18.97 18.83
N VAL B 227 2.30 17.97 17.97
CA VAL B 227 3.69 17.59 17.69
C VAL B 227 4.45 18.74 17.04
N ASP B 228 3.76 19.71 16.46
CA ASP B 228 4.39 20.85 15.80
C ASP B 228 4.28 22.15 16.59
N ASP B 229 3.84 22.07 17.84
CA ASP B 229 3.90 23.22 18.71
C ASP B 229 5.31 23.75 18.79
N SER B 230 5.43 25.08 18.86
CA SER B 230 6.72 25.73 19.05
C SER B 230 7.26 25.51 20.45
N PRO B 231 8.58 25.60 20.63
CA PRO B 231 9.12 25.50 21.98
C PRO B 231 8.40 26.40 22.96
N GLU B 232 8.16 27.67 22.59
CA GLU B 232 7.53 28.60 23.51
C GLU B 232 6.13 28.14 23.86
N GLU B 233 5.38 27.59 22.90
CA GLU B 233 4.04 27.06 23.18
C GLU B 233 4.09 25.83 24.10
N ILE B 234 5.05 24.93 23.88
CA ILE B 234 5.16 23.75 24.72
C ILE B 234 5.47 24.15 26.16
N ARG B 235 6.39 25.08 26.37
CA ARG B 235 6.69 25.57 27.71
C ARG B 235 5.45 26.16 28.36
N ALA B 236 4.69 26.97 27.63
CA ALA B 236 3.51 27.56 28.24
C ALA B 236 2.48 26.50 28.59
N LYS B 237 2.32 25.50 27.72
CA LYS B 237 1.29 24.47 27.93
C LYS B 237 1.66 23.58 29.11
N ILE B 238 2.92 23.21 29.24
CA ILE B 238 3.32 22.39 30.38
C ILE B 238 3.28 23.18 31.67
N LYS B 239 3.60 24.47 31.62
CA LYS B 239 3.63 25.25 32.86
C LYS B 239 2.25 25.37 33.48
N LYS B 240 1.21 25.49 32.65
CA LYS B 240 -0.14 25.56 33.21
C LYS B 240 -0.73 24.18 33.49
N ALA B 241 -0.03 23.10 33.15
CA ALA B 241 -0.63 21.76 33.22
C ALA B 241 -0.90 21.29 34.64
N TYR B 242 -1.90 20.43 34.76
CA TYR B 242 -2.20 19.72 36.00
C TYR B 242 -1.03 18.81 36.36
N CYS B 243 -0.56 18.90 37.60
CA CYS B 243 0.62 18.14 37.99
C CYS B 243 0.64 18.08 39.52
N PRO B 244 -0.29 17.32 40.11
CA PRO B 244 -0.40 17.28 41.58
C PRO B 244 0.84 16.67 42.22
N ALA B 245 1.41 17.38 43.20
CA ALA B 245 2.61 16.92 43.88
C ALA B 245 2.41 15.50 44.42
N GLY B 246 3.36 14.62 44.07
CA GLY B 246 3.37 13.26 44.55
C GLY B 246 2.31 12.34 43.99
N VAL B 247 1.46 12.78 43.06
CA VAL B 247 0.41 11.91 42.49
C VAL B 247 0.78 11.57 41.04
N VAL B 248 0.74 10.29 40.69
CA VAL B 248 1.22 9.83 39.38
C VAL B 248 0.08 9.55 38.42
N GLU B 249 -0.92 8.78 38.83
CA GLU B 249 -1.99 8.47 37.89
C GLU B 249 -2.81 9.73 37.58
N GLY B 250 -3.24 9.85 36.33
CA GLY B 250 -3.94 11.03 35.87
C GLY B 250 -3.10 12.28 35.84
N ASN B 251 -1.77 12.14 35.97
CA ASN B 251 -0.87 13.27 35.93
C ASN B 251 -0.23 13.32 34.54
N PRO B 252 -0.69 14.21 33.65
CA PRO B 252 -0.23 14.16 32.25
C PRO B 252 1.25 14.44 32.12
N ILE B 253 1.86 15.18 33.05
CA ILE B 253 3.28 15.43 32.95
C ILE B 253 4.07 14.15 33.16
N MET B 254 3.65 13.35 34.15
CA MET B 254 4.29 12.07 34.37
C MET B 254 4.00 11.10 33.22
N GLU B 255 2.80 11.16 32.63
CA GLU B 255 2.55 10.32 31.46
C GLU B 255 3.51 10.65 30.33
N ILE B 256 3.75 11.94 30.10
CA ILE B 256 4.71 12.34 29.07
C ILE B 256 6.09 11.77 29.36
N ALA B 257 6.52 11.84 30.62
CA ALA B 257 7.80 11.26 31.04
C ALA B 257 7.83 9.75 30.78
N LYS B 258 6.71 9.06 31.03
CA LYS B 258 6.69 7.61 30.83
C LYS B 258 6.78 7.21 29.36
N TYR B 259 6.00 7.87 28.50
CA TYR B 259 5.76 7.35 27.14
C TYR B 259 6.63 7.99 26.07
N PHE B 260 7.23 9.15 26.33
CA PHE B 260 7.95 9.85 25.26
C PHE B 260 9.41 10.18 25.56
N LEU B 261 9.79 10.37 26.82
CA LEU B 261 11.12 10.82 27.11
C LEU B 261 12.12 9.69 27.02
N GLU B 262 13.36 10.06 26.74
CA GLU B 262 14.48 9.14 26.64
C GLU B 262 15.33 9.26 27.89
N TYR B 263 15.76 8.13 28.45
CA TYR B 263 16.54 8.09 29.68
C TYR B 263 17.95 7.58 29.33
N PRO B 264 18.98 7.98 30.10
CA PRO B 264 18.96 8.85 31.29
C PRO B 264 18.63 10.29 30.98
N LEU B 265 18.14 10.93 32.01
CA LEU B 265 17.56 12.25 31.96
C LEU B 265 18.22 13.04 33.07
N THR B 266 18.77 14.21 32.76
CA THR B 266 19.45 15.02 33.76
C THR B 266 18.56 16.20 34.14
N ILE B 267 18.22 16.28 35.43
CA ILE B 267 17.42 17.38 35.96
C ILE B 267 18.36 18.26 36.79
N LYS B 268 18.75 19.40 36.23
CA LYS B 268 19.69 20.29 36.90
C LYS B 268 19.05 20.90 38.13
N ARG B 269 19.89 21.16 39.16
CA ARG B 269 19.36 21.96 40.27
C ARG B 269 20.46 22.30 41.26
N PRO B 270 20.30 23.41 42.00
CA PRO B 270 21.36 23.85 42.91
C PRO B 270 21.60 22.86 44.03
N GLU B 271 22.80 22.93 44.61
CA GLU B 271 23.12 21.96 45.64
C GLU B 271 22.17 22.02 46.84
N LYS B 272 21.36 23.07 47.00
CA LYS B 272 20.58 23.23 48.23
C LYS B 272 19.29 22.42 48.29
N PHE B 273 18.80 21.82 47.21
CA PHE B 273 17.96 20.63 47.35
C PHE B 273 18.53 19.57 46.43
N GLY B 274 19.31 18.66 47.01
CA GLY B 274 19.69 17.44 46.35
C GLY B 274 20.64 17.57 45.19
N GLY B 275 20.85 18.78 44.66
CA GLY B 275 21.73 18.99 43.52
C GLY B 275 21.19 18.35 42.25
N ASP B 276 21.99 18.45 41.17
CA ASP B 276 21.64 17.83 39.89
C ASP B 276 21.27 16.38 40.10
N LEU B 277 20.24 15.94 39.38
CA LEU B 277 19.69 14.59 39.46
C LEU B 277 19.85 13.96 38.09
N THR B 278 20.56 12.85 38.02
CA THR B 278 20.60 12.05 36.79
C THR B 278 19.66 10.87 37.01
N VAL B 279 18.54 10.85 36.28
CA VAL B 279 17.44 9.89 36.45
C VAL B 279 17.67 8.76 35.45
N ASN B 280 17.85 7.53 35.96
CA ASN B 280 18.18 6.39 35.10
C ASN B 280 16.98 5.89 34.30
N SER B 281 15.77 6.12 34.79
CA SER B 281 14.61 5.47 34.20
C SER B 281 13.37 6.21 34.67
N TYR B 282 12.29 6.01 33.93
CA TYR B 282 10.98 6.51 34.37
C TYR B 282 10.66 6.02 35.79
N GLU B 283 10.97 4.77 36.10
CA GLU B 283 10.68 4.26 37.45
C GLU B 283 11.43 5.05 38.53
N GLU B 284 12.69 5.41 38.28
CA GLU B 284 13.39 6.25 39.24
C GLU B 284 12.67 7.59 39.39
N LEU B 285 12.24 8.17 38.28
CA LEU B 285 11.54 9.44 38.29
C LEU B 285 10.25 9.32 39.09
N GLU B 286 9.51 8.24 38.86
CA GLU B 286 8.28 8.00 39.60
C GLU B 286 8.53 7.94 41.12
N SER B 287 9.60 7.27 41.54
CA SER B 287 9.89 7.22 42.98
CA SER B 287 9.92 7.22 42.98
C SER B 287 10.23 8.59 43.52
N LEU B 288 11.08 9.35 42.82
CA LEU B 288 11.49 10.67 43.29
C LEU B 288 10.27 11.56 43.44
N PHE B 289 9.33 11.45 42.50
CA PHE B 289 8.16 12.31 42.50
C PHE B 289 7.18 11.90 43.60
N LYS B 290 6.92 10.60 43.74
CA LYS B 290 6.01 10.14 44.79
C LYS B 290 6.53 10.46 46.18
N ASN B 291 7.85 10.41 46.37
CA ASN B 291 8.42 10.76 47.66
C ASN B 291 8.59 12.25 47.85
N LYS B 292 8.15 13.07 46.89
CA LYS B 292 8.31 14.53 46.94
C LYS B 292 9.76 14.95 47.09
N GLU B 293 10.68 14.17 46.53
CA GLU B 293 12.07 14.54 46.36
C GLU B 293 12.27 15.40 45.12
N LEU B 294 11.24 15.46 44.28
CA LEU B 294 11.23 16.27 43.06
C LEU B 294 9.91 17.03 43.01
N HIS B 295 9.99 18.40 42.96
CA HIS B 295 8.80 19.26 42.98
C HIS B 295 8.15 19.34 41.59
N PRO B 296 6.82 19.54 41.51
CA PRO B 296 6.16 19.72 40.20
C PRO B 296 6.81 20.75 39.31
N MET B 297 7.25 21.88 39.85
CA MET B 297 7.81 22.92 38.99
C MET B 297 9.08 22.45 38.29
N ARG B 298 9.97 21.77 39.03
CA ARG B 298 11.19 21.26 38.42
C ARG B 298 10.92 20.10 37.49
N LEU B 299 9.94 19.26 37.84
CA LEU B 299 9.56 18.20 36.92
C LEU B 299 9.10 18.81 35.61
N LYS B 300 8.20 19.80 35.68
CA LYS B 300 7.65 20.42 34.48
C LYS B 300 8.74 21.03 33.62
N ASN B 301 9.65 21.79 34.23
CA ASN B 301 10.75 22.40 33.48
C ASN B 301 11.54 21.37 32.70
N ALA B 302 11.92 20.26 33.35
CA ALA B 302 12.71 19.23 32.70
C ALA B 302 11.91 18.54 31.62
N VAL B 303 10.63 18.27 31.89
CA VAL B 303 9.85 17.57 30.91
C VAL B 303 9.66 18.44 29.67
N ALA B 304 9.42 19.74 29.87
CA ALA B 304 9.23 20.65 28.73
C ALA B 304 10.46 20.64 27.84
N GLU B 305 11.66 20.70 28.43
CA GLU B 305 12.85 20.83 27.60
C GLU B 305 13.14 19.54 26.87
N GLU B 306 12.93 18.39 27.55
CA GLU B 306 13.14 17.10 26.92
C GLU B 306 12.13 16.86 25.80
N LEU B 307 10.87 17.22 26.01
CA LEU B 307 9.88 16.99 24.96
C LEU B 307 10.14 17.90 23.75
N ILE B 308 10.53 19.14 24.00
CA ILE B 308 10.91 20.05 22.91
C ILE B 308 11.95 19.37 21.99
N LYS B 309 12.93 18.69 22.57
CA LYS B 309 14.01 18.08 21.80
C LYS B 309 13.53 16.81 21.11
N ILE B 310 12.72 16.02 21.80
CA ILE B 310 12.13 14.83 21.19
C ILE B 310 11.31 15.20 19.97
N LEU B 311 10.59 16.32 20.03
CA LEU B 311 9.72 16.72 18.96
C LEU B 311 10.42 17.52 17.90
N GLU B 312 11.66 17.96 18.15
CA GLU B 312 12.34 18.83 17.20
C GLU B 312 12.43 18.21 15.81
N PRO B 313 12.79 16.93 15.64
CA PRO B 313 12.89 16.39 14.28
C PRO B 313 11.59 16.43 13.51
N ILE B 314 10.46 16.22 14.18
CA ILE B 314 9.16 16.29 13.51
C ILE B 314 8.87 17.72 13.08
N ARG B 315 9.01 18.68 14.02
CA ARG B 315 8.89 20.10 13.72
C ARG B 315 9.73 20.49 12.51
N LYS B 316 10.99 20.05 12.49
CA LYS B 316 11.89 20.49 11.44
C LYS B 316 11.39 20.05 10.07
N ARG B 317 10.72 18.90 10.01
CA ARG B 317 10.31 18.32 8.75
C ARG B 317 9.00 18.87 8.24
N LEU B 318 8.28 19.63 9.05
CA LEU B 318 7.03 20.25 8.63
C LEU B 318 7.15 21.76 8.45
#